data_2F95
#
_entry.id   2F95
#
_cell.length_a   124.620
_cell.length_b   46.900
_cell.length_c   53.850
_cell.angle_alpha   90.00
_cell.angle_beta   90.00
_cell.angle_gamma   90.00
#
_symmetry.space_group_name_H-M   'P 21 21 2'
#
loop_
_entity.id
_entity.type
_entity.pdbx_description
1 polymer 'Sensory rhodopsin II'
2 polymer 'Sensory rhodopsin II transducer'
3 non-polymer 'octyl beta-D-glucopyranoside'
4 non-polymer RETINAL
5 water water
#
loop_
_entity_poly.entity_id
_entity_poly.type
_entity_poly.pdbx_seq_one_letter_code
_entity_poly.pdbx_strand_id
1 'polypeptide(L)'
;VGLTTLFWLGAIGMLVGTLAFAWAGRDAGSGERRYYVTLVGISGIAAVAYVVMALGVGWVPVAERTVFAPRYIDWILTTP
LIVYFLGLLAGLDSREFGIVITLNTVVMLAGFAGAMVPGIERYALFGMGAVAFLGLVYYLVGPMTESASQRSSGIKSLYV
RLRNLTVILWAIYPFIWLLGPPGVALLTPTVDVALIVYLDLVTKVGFGFIALDAAATLRAEHGESLAGVDTDAPAVADEN
SHHHHHHH
;
A
2 'polypeptide(L)'
;AVSRLLLPSRVRHSYTGKMGAVFIFVGALTVLFGAIAYGEVTAAAATGDAAAVQEAAVSAILGLIILLGINLGLVAATLG
GDTAASLSTLAAKASRMGDGDLDVELETRREDEIGDLYAAFDEMRQSVRTSLEDAKNAREDAEQAQKRAEEINTNSHHHH
HHH
;
B
#
loop_
_chem_comp.id
_chem_comp.type
_chem_comp.name
_chem_comp.formula
BOG D-saccharide 'octyl beta-D-glucopyranoside' 'C14 H28 O6'
RET non-polymer RETINAL 'C20 H28 O'
#
# COMPACT_ATOMS: atom_id res chain seq x y z
N GLY A 2 -5.71 -9.44 17.84
CA GLY A 2 -6.47 -8.47 17.07
C GLY A 2 -5.94 -8.42 15.66
N LEU A 3 -4.88 -9.18 15.39
CA LEU A 3 -4.28 -9.23 14.06
C LEU A 3 -5.26 -9.79 13.04
N THR A 4 -5.88 -10.93 13.36
CA THR A 4 -6.82 -11.55 12.43
C THR A 4 -7.97 -10.59 12.14
N THR A 5 -8.40 -9.86 13.15
CA THR A 5 -9.49 -8.90 12.99
C THR A 5 -9.08 -7.81 12.00
N LEU A 6 -7.84 -7.35 12.12
CA LEU A 6 -7.33 -6.33 11.23
C LEU A 6 -7.22 -6.88 9.80
N PHE A 7 -6.77 -8.14 9.67
CA PHE A 7 -6.65 -8.74 8.34
C PHE A 7 -8.01 -8.90 7.68
N TRP A 8 -9.03 -9.24 8.47
CA TRP A 8 -10.39 -9.40 7.95
C TRP A 8 -10.93 -8.06 7.45
N LEU A 9 -10.62 -6.99 8.18
CA LEU A 9 -11.06 -5.65 7.79
C LEU A 9 -10.42 -5.29 6.46
N GLY A 10 -9.15 -5.67 6.30
CA GLY A 10 -8.46 -5.40 5.06
C GLY A 10 -9.11 -6.18 3.93
N ALA A 11 -9.46 -7.44 4.20
CA ALA A 11 -10.08 -8.28 3.18
C ALA A 11 -11.43 -7.69 2.78
N ILE A 12 -12.23 -7.31 3.76
CA ILE A 12 -13.55 -6.73 3.50
C ILE A 12 -13.42 -5.44 2.67
N GLY A 13 -12.48 -4.58 3.07
CA GLY A 13 -12.27 -3.35 2.35
C GLY A 13 -11.88 -3.58 0.90
N MET A 14 -10.99 -4.54 0.67
CA MET A 14 -10.55 -4.87 -0.68
C MET A 14 -11.70 -5.50 -1.47
N LEU A 15 -12.50 -6.32 -0.81
CA LEU A 15 -13.63 -6.97 -1.47
C LEU A 15 -14.64 -5.92 -1.94
N VAL A 16 -14.96 -4.97 -1.07
CA VAL A 16 -15.90 -3.92 -1.42
C VAL A 16 -15.39 -3.17 -2.64
N GLY A 17 -14.10 -2.84 -2.63
CA GLY A 17 -13.52 -2.14 -3.75
C GLY A 17 -13.60 -2.96 -5.02
N THR A 18 -13.18 -4.22 -4.93
CA THR A 18 -13.20 -5.10 -6.08
C THR A 18 -14.59 -5.14 -6.73
N LEU A 19 -15.62 -5.34 -5.91
CA LEU A 19 -16.99 -5.40 -6.42
C LEU A 19 -17.45 -4.07 -7.02
N ALA A 20 -17.09 -2.97 -6.38
CA ALA A 20 -17.48 -1.66 -6.87
C ALA A 20 -16.86 -1.40 -8.25
N PHE A 21 -15.58 -1.75 -8.40
CA PHE A 21 -14.89 -1.54 -9.66
C PHE A 21 -15.46 -2.45 -10.76
N ALA A 22 -15.76 -3.69 -10.42
CA ALA A 22 -16.32 -4.63 -11.39
C ALA A 22 -17.68 -4.14 -11.88
N TRP A 23 -18.51 -3.71 -10.92
CA TRP A 23 -19.84 -3.21 -11.25
C TRP A 23 -19.76 -1.93 -12.08
N ALA A 24 -18.92 -1.00 -11.65
CA ALA A 24 -18.76 0.26 -12.35
C ALA A 24 -18.30 0.09 -13.79
N GLY A 25 -17.58 -0.99 -14.07
CA GLY A 25 -17.10 -1.22 -15.42
C GLY A 25 -17.97 -2.16 -16.25
N ARG A 26 -19.11 -2.56 -15.71
CA ARG A 26 -20.00 -3.48 -16.41
C ARG A 26 -20.37 -3.03 -17.83
N ASP A 27 -20.59 -1.73 -18.00
CA ASP A 27 -20.96 -1.21 -19.32
C ASP A 27 -19.84 -0.39 -19.96
N ALA A 28 -18.61 -0.58 -19.49
CA ALA A 28 -17.48 0.17 -20.01
C ALA A 28 -17.25 -0.07 -21.51
N GLY A 29 -16.87 1.00 -22.20
CA GLY A 29 -16.60 0.89 -23.62
C GLY A 29 -15.35 0.10 -23.90
N SER A 30 -15.06 -0.14 -25.18
CA SER A 30 -13.88 -0.89 -25.58
C SER A 30 -12.56 -0.25 -25.17
N GLY A 31 -12.60 1.06 -24.90
CA GLY A 31 -11.39 1.77 -24.53
C GLY A 31 -11.17 1.97 -23.04
N GLU A 32 -12.21 1.77 -22.24
CA GLU A 32 -12.12 1.94 -20.79
C GLU A 32 -11.93 0.59 -20.12
N ARG A 33 -12.42 -0.46 -20.78
CA ARG A 33 -12.37 -1.82 -20.26
C ARG A 33 -11.12 -2.22 -19.48
N ARG A 34 -9.95 -2.15 -20.10
CA ARG A 34 -8.69 -2.53 -19.46
C ARG A 34 -8.49 -1.85 -18.10
N TYR A 35 -8.90 -0.58 -18.01
CA TYR A 35 -8.75 0.17 -16.77
C TYR A 35 -9.54 -0.45 -15.64
N TYR A 36 -10.81 -0.75 -15.90
CA TYR A 36 -11.68 -1.35 -14.88
C TYR A 36 -11.19 -2.73 -14.47
N VAL A 37 -10.74 -3.51 -15.45
CA VAL A 37 -10.25 -4.85 -15.21
C VAL A 37 -9.00 -4.83 -14.32
N THR A 38 -8.11 -3.88 -14.62
CA THR A 38 -6.88 -3.74 -13.85
C THR A 38 -7.20 -3.42 -12.39
N LEU A 39 -8.14 -2.51 -12.18
CA LEU A 39 -8.54 -2.13 -10.83
C LEU A 39 -9.08 -3.34 -10.07
N VAL A 40 -9.87 -4.15 -10.78
CA VAL A 40 -10.44 -5.35 -10.18
C VAL A 40 -9.32 -6.30 -9.74
N GLY A 41 -8.31 -6.45 -10.60
CA GLY A 41 -7.19 -7.31 -10.27
C GLY A 41 -6.35 -6.78 -9.13
N ILE A 42 -6.14 -5.47 -9.11
CA ILE A 42 -5.35 -4.84 -8.04
C ILE A 42 -5.97 -5.14 -6.67
N SER A 43 -7.24 -4.77 -6.49
CA SER A 43 -7.90 -5.01 -5.21
C SER A 43 -8.28 -6.46 -4.97
N GLY A 44 -8.54 -7.22 -6.04
CA GLY A 44 -8.91 -8.62 -5.90
C GLY A 44 -7.80 -9.49 -5.33
N ILE A 45 -6.60 -9.33 -5.87
CA ILE A 45 -5.45 -10.08 -5.38
C ILE A 45 -5.17 -9.68 -3.93
N ALA A 46 -5.29 -8.39 -3.63
CA ALA A 46 -5.05 -7.91 -2.26
C ALA A 46 -6.06 -8.55 -1.31
N ALA A 47 -7.30 -8.68 -1.76
CA ALA A 47 -8.35 -9.29 -0.93
C ALA A 47 -7.96 -10.73 -0.58
N VAL A 48 -7.41 -11.45 -1.55
CA VAL A 48 -6.99 -12.83 -1.33
C VAL A 48 -5.85 -12.88 -0.32
N ALA A 49 -4.88 -12.00 -0.46
CA ALA A 49 -3.76 -11.95 0.46
C ALA A 49 -4.24 -11.68 1.89
N TYR A 50 -5.18 -10.75 2.05
CA TYR A 50 -5.69 -10.45 3.38
C TYR A 50 -6.48 -11.63 3.98
N VAL A 51 -7.23 -12.34 3.14
CA VAL A 51 -8.00 -13.49 3.61
C VAL A 51 -7.02 -14.57 4.06
N VAL A 52 -5.98 -14.83 3.27
CA VAL A 52 -5.00 -15.83 3.63
C VAL A 52 -4.36 -15.51 4.98
N MET A 53 -4.01 -14.25 5.19
CA MET A 53 -3.41 -13.85 6.47
C MET A 53 -4.43 -13.87 7.60
N ALA A 54 -5.68 -13.53 7.31
CA ALA A 54 -6.72 -13.55 8.34
C ALA A 54 -6.94 -14.98 8.82
N LEU A 55 -6.70 -15.94 7.93
CA LEU A 55 -6.84 -17.35 8.26
C LEU A 55 -5.60 -17.91 8.95
N GLY A 56 -4.64 -17.03 9.24
CA GLY A 56 -3.43 -17.45 9.91
C GLY A 56 -2.42 -18.18 9.04
N VAL A 57 -2.48 -17.92 7.74
CA VAL A 57 -1.57 -18.59 6.81
C VAL A 57 -0.49 -17.63 6.30
N GLY A 58 0.75 -18.11 6.26
CA GLY A 58 1.83 -17.28 5.77
C GLY A 58 2.51 -16.42 6.81
N TRP A 59 2.25 -16.68 8.09
CA TRP A 59 2.87 -15.93 9.17
C TRP A 59 4.24 -16.54 9.37
N VAL A 60 5.28 -15.73 9.28
CA VAL A 60 6.64 -16.25 9.42
C VAL A 60 7.43 -15.66 10.59
N PRO A 61 7.51 -16.41 11.70
CA PRO A 61 8.26 -15.96 12.88
C PRO A 61 9.77 -16.01 12.59
N VAL A 62 10.31 -14.91 12.07
CA VAL A 62 11.73 -14.83 11.76
C VAL A 62 12.49 -14.09 12.86
N ALA A 63 13.60 -14.68 13.31
CA ALA A 63 14.46 -14.11 14.35
C ALA A 63 13.80 -13.12 15.31
N GLU A 64 12.92 -13.62 16.17
CA GLU A 64 12.25 -12.80 17.16
C GLU A 64 11.32 -11.72 16.61
N ARG A 65 10.84 -11.90 15.38
CA ARG A 65 9.91 -10.94 14.81
C ARG A 65 8.91 -11.66 13.93
N THR A 66 7.84 -10.95 13.57
CA THR A 66 6.81 -11.55 12.75
C THR A 66 6.64 -10.80 11.44
N VAL A 67 6.90 -11.49 10.33
CA VAL A 67 6.72 -10.90 9.01
C VAL A 67 5.61 -11.71 8.34
N PHE A 68 4.93 -11.10 7.39
CA PHE A 68 3.82 -11.77 6.73
C PHE A 68 4.11 -11.93 5.25
N ALA A 69 4.36 -13.18 4.85
CA ALA A 69 4.68 -13.48 3.46
C ALA A 69 3.64 -13.01 2.44
N PRO A 70 2.34 -13.21 2.73
CA PRO A 70 1.31 -12.77 1.77
C PRO A 70 1.35 -11.28 1.48
N ARG A 71 1.73 -10.48 2.48
CA ARG A 71 1.81 -9.04 2.29
C ARG A 71 2.77 -8.73 1.13
N TYR A 72 3.97 -9.30 1.20
CA TYR A 72 4.98 -9.06 0.15
C TYR A 72 4.63 -9.69 -1.18
N ILE A 73 4.00 -10.86 -1.16
CA ILE A 73 3.61 -11.52 -2.40
C ILE A 73 2.57 -10.63 -3.07
N ASP A 74 1.63 -10.14 -2.26
CA ASP A 74 0.57 -9.23 -2.70
C ASP A 74 1.23 -8.06 -3.46
N TRP A 75 2.13 -7.35 -2.78
CA TRP A 75 2.81 -6.20 -3.37
C TRP A 75 3.52 -6.49 -4.69
N ILE A 76 4.24 -7.59 -4.73
CA ILE A 76 4.98 -7.99 -5.93
C ILE A 76 4.05 -8.16 -7.12
N LEU A 77 2.82 -8.58 -6.87
CA LEU A 77 1.85 -8.80 -7.94
C LEU A 77 0.89 -7.64 -8.21
N THR A 78 0.60 -6.84 -7.19
CA THR A 78 -0.35 -5.75 -7.37
C THR A 78 0.26 -4.38 -7.72
N THR A 79 1.39 -4.05 -7.12
CA THR A 79 2.00 -2.76 -7.43
C THR A 79 2.36 -2.64 -8.92
N PRO A 80 2.77 -3.75 -9.56
CA PRO A 80 3.07 -3.60 -10.99
C PRO A 80 1.78 -3.33 -11.79
N LEU A 81 0.64 -3.75 -11.25
CA LEU A 81 -0.63 -3.51 -11.93
C LEU A 81 -1.02 -2.05 -11.77
N ILE A 82 -0.65 -1.46 -10.64
CA ILE A 82 -0.93 -0.04 -10.40
C ILE A 82 -0.03 0.76 -11.34
N VAL A 83 1.22 0.34 -11.48
CA VAL A 83 2.14 1.04 -12.37
C VAL A 83 1.63 0.89 -13.81
N TYR A 84 1.06 -0.27 -14.10
CA TYR A 84 0.53 -0.53 -15.44
C TYR A 84 -0.63 0.42 -15.73
N PHE A 85 -1.50 0.60 -14.74
CA PHE A 85 -2.64 1.49 -14.88
C PHE A 85 -2.12 2.90 -15.13
N LEU A 86 -1.15 3.34 -14.34
CA LEU A 86 -0.59 4.67 -14.53
C LEU A 86 0.04 4.79 -15.90
N GLY A 87 0.71 3.71 -16.33
CA GLY A 87 1.36 3.70 -17.63
C GLY A 87 0.37 3.78 -18.79
N LEU A 88 -0.80 3.17 -18.61
CA LEU A 88 -1.83 3.21 -19.64
C LEU A 88 -2.34 4.63 -19.82
N LEU A 89 -2.55 5.34 -18.71
CA LEU A 89 -3.02 6.71 -18.78
C LEU A 89 -1.95 7.57 -19.45
N ALA A 90 -0.69 7.33 -19.09
CA ALA A 90 0.42 8.09 -19.66
C ALA A 90 0.67 7.78 -21.12
N GLY A 91 0.14 6.66 -21.59
CA GLY A 91 0.31 6.27 -22.99
C GLY A 91 1.68 5.69 -23.31
N LEU A 92 2.24 4.91 -22.41
CA LEU A 92 3.56 4.31 -22.63
C LEU A 92 3.56 3.20 -23.68
N ASP A 93 4.72 2.96 -24.29
CA ASP A 93 4.87 1.87 -25.25
C ASP A 93 5.47 0.70 -24.47
N SER A 94 5.64 -0.46 -25.12
CA SER A 94 6.18 -1.64 -24.47
C SER A 94 7.50 -1.42 -23.73
N ARG A 95 8.44 -0.76 -24.40
CA ARG A 95 9.74 -0.49 -23.82
C ARG A 95 9.63 0.30 -22.51
N GLU A 96 8.87 1.40 -22.55
CA GLU A 96 8.69 2.24 -21.38
C GLU A 96 8.00 1.50 -20.23
N PHE A 97 7.04 0.65 -20.56
CA PHE A 97 6.34 -0.15 -19.55
C PHE A 97 7.37 -1.09 -18.93
N GLY A 98 8.19 -1.71 -19.78
CA GLY A 98 9.21 -2.64 -19.32
C GLY A 98 10.16 -2.03 -18.31
N ILE A 99 10.50 -0.77 -18.51
CA ILE A 99 11.42 -0.07 -17.61
C ILE A 99 10.80 0.13 -16.23
N VAL A 100 9.61 0.70 -16.16
CA VAL A 100 8.99 0.94 -14.86
C VAL A 100 8.60 -0.34 -14.13
N ILE A 101 8.16 -1.36 -14.86
CA ILE A 101 7.80 -2.60 -14.23
C ILE A 101 9.05 -3.27 -13.64
N THR A 102 10.17 -3.14 -14.34
CA THR A 102 11.42 -3.71 -13.88
C THR A 102 11.83 -3.04 -12.58
N LEU A 103 11.80 -1.71 -12.55
CA LEU A 103 12.16 -0.96 -11.37
C LEU A 103 11.24 -1.31 -10.21
N ASN A 104 9.94 -1.34 -10.48
CA ASN A 104 8.94 -1.65 -9.45
C ASN A 104 9.18 -3.03 -8.84
N THR A 105 9.47 -4.01 -9.70
CA THR A 105 9.70 -5.37 -9.23
C THR A 105 10.92 -5.48 -8.32
N VAL A 106 11.97 -4.73 -8.63
CA VAL A 106 13.17 -4.75 -7.79
C VAL A 106 12.81 -4.26 -6.39
N VAL A 107 12.02 -3.18 -6.33
CA VAL A 107 11.59 -2.64 -5.04
C VAL A 107 10.89 -3.71 -4.19
N MET A 108 9.86 -4.33 -4.75
CA MET A 108 9.08 -5.33 -4.03
C MET A 108 9.86 -6.60 -3.68
N LEU A 109 10.67 -7.10 -4.61
CA LEU A 109 11.45 -8.29 -4.33
C LEU A 109 12.46 -7.98 -3.23
N ALA A 110 13.00 -6.76 -3.26
CA ALA A 110 13.97 -6.33 -2.25
C ALA A 110 13.38 -6.33 -0.84
N GLY A 111 12.20 -5.72 -0.69
CA GLY A 111 11.57 -5.66 0.61
C GLY A 111 11.19 -7.04 1.14
N PHE A 112 10.78 -7.91 0.23
CA PHE A 112 10.40 -9.27 0.58
C PHE A 112 11.63 -10.03 1.07
N ALA A 113 12.69 -10.02 0.27
CA ALA A 113 13.92 -10.71 0.64
C ALA A 113 14.49 -10.17 1.95
N GLY A 114 14.53 -8.85 2.09
CA GLY A 114 15.05 -8.25 3.31
C GLY A 114 14.24 -8.63 4.55
N ALA A 115 12.92 -8.73 4.37
CA ALA A 115 12.04 -9.10 5.46
C ALA A 115 12.30 -10.53 5.94
N MET A 116 12.73 -11.39 5.02
CA MET A 116 13.01 -12.77 5.35
C MET A 116 14.47 -13.01 5.77
N VAL A 117 15.29 -11.97 5.69
CA VAL A 117 16.70 -12.09 6.05
C VAL A 117 17.08 -11.54 7.41
N PRO A 118 17.52 -12.42 8.32
CA PRO A 118 17.94 -11.99 9.65
C PRO A 118 19.31 -11.32 9.53
N GLY A 119 19.58 -10.34 10.38
CA GLY A 119 20.88 -9.69 10.32
C GLY A 119 20.96 -8.45 9.45
N ILE A 120 22.08 -7.74 9.59
CA ILE A 120 22.34 -6.51 8.86
C ILE A 120 22.21 -6.60 7.34
N GLU A 121 22.27 -7.81 6.80
CA GLU A 121 22.16 -7.97 5.35
C GLU A 121 20.81 -7.45 4.85
N ARG A 122 19.80 -7.52 5.71
CA ARG A 122 18.47 -7.06 5.31
C ARG A 122 18.49 -5.59 4.94
N TYR A 123 19.42 -4.83 5.51
CA TYR A 123 19.49 -3.40 5.19
C TYR A 123 20.10 -3.15 3.81
N ALA A 124 20.98 -4.05 3.35
CA ALA A 124 21.56 -3.91 2.02
C ALA A 124 20.42 -4.17 1.03
N LEU A 125 19.60 -5.16 1.35
CA LEU A 125 18.47 -5.49 0.48
C LEU A 125 17.50 -4.31 0.47
N PHE A 126 17.29 -3.71 1.63
CA PHE A 126 16.40 -2.55 1.71
C PHE A 126 16.95 -1.44 0.82
N GLY A 127 18.26 -1.23 0.89
CA GLY A 127 18.89 -0.21 0.09
C GLY A 127 18.64 -0.41 -1.40
N MET A 128 18.73 -1.66 -1.84
CA MET A 128 18.48 -1.99 -3.25
C MET A 128 17.08 -1.55 -3.63
N GLY A 129 16.10 -1.85 -2.76
CA GLY A 129 14.74 -1.47 -3.03
C GLY A 129 14.51 0.02 -2.97
N ALA A 130 15.18 0.70 -2.04
CA ALA A 130 15.03 2.15 -1.89
C ALA A 130 15.56 2.88 -3.12
N VAL A 131 16.70 2.43 -3.65
CA VAL A 131 17.27 3.09 -4.82
C VAL A 131 16.37 2.84 -6.05
N ALA A 132 15.91 1.60 -6.21
CA ALA A 132 15.03 1.28 -7.33
C ALA A 132 13.77 2.14 -7.25
N PHE A 133 13.28 2.35 -6.04
CA PHE A 133 12.07 3.14 -5.81
C PHE A 133 12.28 4.60 -6.22
N LEU A 134 13.46 5.15 -5.93
CA LEU A 134 13.74 6.53 -6.32
C LEU A 134 13.77 6.59 -7.84
N GLY A 135 14.26 5.52 -8.46
CA GLY A 135 14.31 5.47 -9.92
C GLY A 135 12.89 5.43 -10.47
N LEU A 136 12.03 4.67 -9.81
CA LEU A 136 10.64 4.56 -10.23
C LEU A 136 9.95 5.92 -10.10
N VAL A 137 10.19 6.61 -8.99
CA VAL A 137 9.59 7.92 -8.76
C VAL A 137 10.02 8.89 -9.86
N TYR A 138 11.28 8.78 -10.29
CA TYR A 138 11.79 9.64 -11.35
C TYR A 138 11.00 9.44 -12.65
N TYR A 139 10.76 8.19 -13.00
CA TYR A 139 10.02 7.89 -14.21
C TYR A 139 8.58 8.38 -14.12
N LEU A 140 7.96 8.20 -12.96
CA LEU A 140 6.58 8.64 -12.75
C LEU A 140 6.39 10.16 -12.87
N VAL A 141 7.30 10.91 -12.26
CA VAL A 141 7.21 12.36 -12.27
C VAL A 141 7.85 13.01 -13.50
N GLY A 142 8.79 12.33 -14.12
CA GLY A 142 9.45 12.87 -15.30
C GLY A 142 8.91 12.36 -16.63
N PRO A 143 9.60 11.40 -17.26
CA PRO A 143 9.23 10.79 -18.54
C PRO A 143 7.75 10.42 -18.72
N MET A 144 7.18 9.77 -17.72
CA MET A 144 5.78 9.36 -17.81
C MET A 144 4.81 10.54 -17.71
N THR A 145 5.22 11.60 -17.00
CA THR A 145 4.37 12.76 -16.88
C THR A 145 4.39 13.51 -18.22
N GLU A 146 5.54 13.50 -18.86
CA GLU A 146 5.71 14.15 -20.15
C GLU A 146 4.86 13.40 -21.16
N SER A 147 4.88 12.08 -21.06
CA SER A 147 4.11 11.22 -21.95
C SER A 147 2.62 11.49 -21.74
N ALA A 148 2.21 11.61 -20.48
CA ALA A 148 0.82 11.87 -20.14
C ALA A 148 0.35 13.23 -20.68
N SER A 149 1.29 14.17 -20.78
CA SER A 149 0.98 15.50 -21.28
C SER A 149 0.57 15.51 -22.76
N GLN A 150 0.79 14.40 -23.45
CA GLN A 150 0.39 14.31 -24.85
C GLN A 150 -1.05 13.85 -25.00
N ARG A 151 -1.67 13.48 -23.88
CA ARG A 151 -3.05 13.01 -23.88
C ARG A 151 -3.99 14.19 -23.63
N SER A 152 -5.28 13.90 -23.53
CA SER A 152 -6.28 14.94 -23.28
C SER A 152 -6.04 15.58 -21.91
N SER A 153 -6.64 16.74 -21.69
CA SER A 153 -6.50 17.45 -20.43
C SER A 153 -7.05 16.60 -19.29
N GLY A 154 -8.13 15.87 -19.57
CA GLY A 154 -8.74 15.04 -18.56
C GLY A 154 -7.85 13.87 -18.15
N ILE A 155 -7.18 13.28 -19.12
CA ILE A 155 -6.30 12.15 -18.87
C ILE A 155 -5.06 12.64 -18.10
N LYS A 156 -4.50 13.69 -18.52
CA LYS A 156 -3.34 14.26 -17.86
C LYS A 156 -3.70 14.60 -16.43
N SER A 157 -4.89 15.13 -16.25
CA SER A 157 -5.37 15.52 -14.92
C SER A 157 -5.54 14.31 -14.01
N LEU A 158 -6.10 13.22 -14.53
CA LEU A 158 -6.27 12.03 -13.72
C LEU A 158 -4.91 11.39 -13.44
N TYR A 159 -4.05 11.36 -14.45
CA TYR A 159 -2.74 10.76 -14.26
C TYR A 159 -2.02 11.44 -13.11
N VAL A 160 -2.03 12.77 -13.12
CA VAL A 160 -1.36 13.57 -12.10
C VAL A 160 -1.91 13.33 -10.70
N ARG A 161 -3.22 13.24 -10.59
CA ARG A 161 -3.85 13.00 -9.29
C ARG A 161 -3.47 11.61 -8.76
N LEU A 162 -3.55 10.61 -9.61
CA LEU A 162 -3.22 9.25 -9.21
C LEU A 162 -1.72 9.07 -8.98
N ARG A 163 -0.91 9.82 -9.73
CA ARG A 163 0.54 9.75 -9.56
C ARG A 163 0.95 10.35 -8.22
N ASN A 164 0.33 11.46 -7.85
CA ASN A 164 0.65 12.13 -6.59
C ASN A 164 0.28 11.28 -5.39
N LEU A 165 -0.90 10.74 -5.49
CA LEU A 165 -1.34 9.87 -4.42
C LEU A 165 -0.33 8.72 -4.28
N THR A 166 0.06 8.16 -5.42
CA THR A 166 1.00 7.05 -5.47
C THR A 166 2.39 7.41 -4.93
N VAL A 167 3.02 8.42 -5.50
CA VAL A 167 4.35 8.82 -5.05
C VAL A 167 4.39 9.14 -3.55
N ILE A 168 3.46 9.96 -3.09
CA ILE A 168 3.42 10.36 -1.69
C ILE A 168 3.18 9.21 -0.70
N LEU A 169 2.16 8.39 -0.95
CA LEU A 169 1.88 7.31 -0.02
C LEU A 169 2.84 6.12 -0.13
N TRP A 170 3.30 5.79 -1.34
CA TRP A 170 4.24 4.69 -1.49
C TRP A 170 5.51 5.03 -0.71
N ALA A 171 5.89 6.30 -0.71
CA ALA A 171 7.10 6.75 0.00
C ALA A 171 7.05 6.46 1.50
N ILE A 172 5.84 6.26 2.02
CA ILE A 172 5.68 5.98 3.43
C ILE A 172 5.98 4.52 3.80
N TYR A 173 5.69 3.59 2.89
CA TYR A 173 5.95 2.18 3.16
C TYR A 173 7.37 1.85 3.63
N PRO A 174 8.40 2.39 2.96
CA PRO A 174 9.76 2.09 3.40
C PRO A 174 10.06 2.50 4.86
N PHE A 175 9.41 3.55 5.35
CA PHE A 175 9.63 3.98 6.73
C PHE A 175 8.98 3.00 7.69
N ILE A 176 7.82 2.46 7.29
CA ILE A 176 7.13 1.49 8.12
C ILE A 176 7.92 0.18 8.11
N TRP A 177 8.58 -0.11 6.99
CA TRP A 177 9.39 -1.33 6.89
C TRP A 177 10.57 -1.16 7.85
N LEU A 178 11.24 -0.02 7.78
CA LEU A 178 12.41 0.23 8.63
C LEU A 178 12.06 0.30 10.13
N LEU A 179 10.95 0.96 10.45
CA LEU A 179 10.54 1.12 11.84
C LEU A 179 9.78 -0.08 12.39
N GLY A 180 9.17 -0.85 11.49
CA GLY A 180 8.40 -2.01 11.92
C GLY A 180 9.23 -3.26 12.13
N PRO A 181 8.58 -4.43 12.25
CA PRO A 181 9.20 -5.73 12.46
C PRO A 181 10.38 -6.08 11.54
N PRO A 182 10.29 -5.72 10.25
CA PRO A 182 11.39 -6.02 9.32
C PRO A 182 12.70 -5.34 9.69
N GLY A 183 12.60 -4.10 10.17
CA GLY A 183 13.80 -3.35 10.53
C GLY A 183 14.14 -3.33 12.01
N VAL A 184 14.01 -2.17 12.64
CA VAL A 184 14.35 -2.04 14.06
C VAL A 184 13.24 -2.50 14.99
N ALA A 185 12.09 -2.85 14.41
CA ALA A 185 10.97 -3.34 15.20
C ALA A 185 10.53 -2.43 16.36
N LEU A 186 10.35 -1.15 16.08
CA LEU A 186 9.89 -0.20 17.10
C LEU A 186 8.35 -0.21 17.09
N LEU A 187 7.78 -0.60 15.96
CA LEU A 187 6.33 -0.71 15.82
C LEU A 187 5.98 -2.18 16.08
N THR A 188 4.93 -2.42 16.85
CA THR A 188 4.50 -3.78 17.13
C THR A 188 3.83 -4.35 15.88
N PRO A 189 3.70 -5.68 15.80
CA PRO A 189 3.06 -6.29 14.63
C PRO A 189 1.66 -5.70 14.42
N THR A 190 0.93 -5.49 15.50
CA THR A 190 -0.42 -4.93 15.44
C THR A 190 -0.47 -3.53 14.81
N VAL A 191 0.39 -2.64 15.29
CA VAL A 191 0.44 -1.28 14.77
C VAL A 191 0.92 -1.28 13.33
N ASP A 192 1.91 -2.13 13.05
CA ASP A 192 2.46 -2.27 11.71
C ASP A 192 1.35 -2.68 10.73
N VAL A 193 0.62 -3.73 11.09
CA VAL A 193 -0.48 -4.22 10.26
C VAL A 193 -1.59 -3.20 10.06
N ALA A 194 -1.94 -2.47 11.12
CA ALA A 194 -3.00 -1.47 11.02
C ALA A 194 -2.64 -0.33 10.07
N LEU A 195 -1.39 0.12 10.12
CA LEU A 195 -0.96 1.20 9.23
C LEU A 195 -0.95 0.75 7.78
N ILE A 196 -0.55 -0.50 7.55
CA ILE A 196 -0.48 -1.06 6.20
C ILE A 196 -1.88 -1.29 5.63
N VAL A 197 -2.82 -1.68 6.48
CA VAL A 197 -4.20 -1.90 6.05
C VAL A 197 -4.73 -0.56 5.54
N TYR A 198 -4.46 0.50 6.30
CA TYR A 198 -4.89 1.83 5.93
C TYR A 198 -4.24 2.26 4.62
N LEU A 199 -2.92 2.15 4.55
CA LEU A 199 -2.23 2.52 3.32
C LEU A 199 -2.65 1.67 2.12
N ASP A 200 -2.77 0.36 2.31
CA ASP A 200 -3.19 -0.50 1.21
C ASP A 200 -4.57 -0.11 0.69
N LEU A 201 -5.52 0.13 1.58
CA LEU A 201 -6.87 0.49 1.15
C LEU A 201 -6.87 1.80 0.35
N VAL A 202 -6.07 2.76 0.78
CA VAL A 202 -5.99 4.04 0.08
C VAL A 202 -5.28 3.92 -1.27
N THR A 203 -4.13 3.24 -1.30
CA THR A 203 -3.39 3.11 -2.55
C THR A 203 -4.03 2.21 -3.60
N LYS A 204 -5.00 1.40 -3.19
CA LYS A 204 -5.68 0.50 -4.13
C LYS A 204 -7.14 0.88 -4.35
N VAL A 205 -7.91 0.89 -3.26
CA VAL A 205 -9.33 1.21 -3.34
C VAL A 205 -9.56 2.72 -3.46
N GLY A 206 -8.80 3.51 -2.71
CA GLY A 206 -8.93 4.96 -2.81
C GLY A 206 -8.52 5.38 -4.20
N PHE A 207 -7.43 4.77 -4.67
CA PHE A 207 -6.87 5.01 -6.00
C PHE A 207 -7.96 4.72 -7.05
N GLY A 208 -8.63 3.59 -6.88
CA GLY A 208 -9.68 3.20 -7.82
C GLY A 208 -10.87 4.13 -7.85
N PHE A 209 -11.35 4.54 -6.67
CA PHE A 209 -12.50 5.43 -6.62
C PHE A 209 -12.21 6.80 -7.23
N ILE A 210 -10.95 7.21 -7.21
CA ILE A 210 -10.57 8.48 -7.81
C ILE A 210 -10.70 8.33 -9.32
N ALA A 211 -10.31 7.15 -9.83
CA ALA A 211 -10.41 6.89 -11.26
C ALA A 211 -11.89 6.79 -11.67
N LEU A 212 -12.68 6.05 -10.90
CA LEU A 212 -14.10 5.91 -11.20
C LEU A 212 -14.78 7.28 -11.23
N ASP A 213 -14.38 8.15 -10.32
CA ASP A 213 -14.96 9.50 -10.24
C ASP A 213 -14.66 10.35 -11.46
N ALA A 214 -13.59 10.04 -12.18
CA ALA A 214 -13.21 10.80 -13.37
C ALA A 214 -13.75 10.22 -14.66
N ALA A 215 -14.24 8.98 -14.60
CA ALA A 215 -14.75 8.28 -15.79
C ALA A 215 -15.75 9.07 -16.65
N ALA A 216 -16.79 9.62 -16.04
CA ALA A 216 -17.81 10.36 -16.78
C ALA A 216 -17.22 11.58 -17.50
N THR A 217 -16.31 12.29 -16.84
CA THR A 217 -15.68 13.47 -17.42
C THR A 217 -14.83 13.11 -18.63
N LEU A 218 -14.13 11.99 -18.55
CA LEU A 218 -13.29 11.54 -19.65
C LEU A 218 -14.13 11.17 -20.86
N ARG A 219 -15.29 10.53 -20.62
CA ARG A 219 -16.15 10.15 -21.71
C ARG A 219 -16.71 11.40 -22.40
N ALA A 220 -17.04 12.40 -21.61
CA ALA A 220 -17.58 13.65 -22.14
C ALA A 220 -16.57 14.37 -23.03
N GLU A 221 -15.28 14.22 -22.73
CA GLU A 221 -14.23 14.85 -23.52
C GLU A 221 -14.25 14.34 -24.95
N ILE B 24 -13.44 14.78 9.76
CA ILE B 24 -14.14 13.75 10.51
C ILE B 24 -13.53 12.38 10.22
N PHE B 25 -13.15 12.15 8.96
CA PHE B 25 -12.55 10.88 8.55
C PHE B 25 -11.23 10.68 9.28
N VAL B 26 -10.27 11.57 9.03
CA VAL B 26 -8.96 11.49 9.67
C VAL B 26 -9.14 11.49 11.18
N GLY B 27 -10.04 12.32 11.66
CA GLY B 27 -10.29 12.40 13.10
C GLY B 27 -10.80 11.09 13.65
N ALA B 28 -11.76 10.48 12.98
CA ALA B 28 -12.33 9.21 13.42
C ALA B 28 -11.27 8.13 13.39
N LEU B 29 -10.51 8.06 12.30
CA LEU B 29 -9.46 7.07 12.17
C LEU B 29 -8.38 7.24 13.22
N THR B 30 -7.98 8.48 13.47
CA THR B 30 -6.95 8.74 14.48
C THR B 30 -7.45 8.20 15.81
N VAL B 31 -8.75 8.36 16.06
CA VAL B 31 -9.35 7.88 17.29
C VAL B 31 -9.33 6.36 17.32
N LEU B 32 -9.66 5.75 16.19
CA LEU B 32 -9.66 4.30 16.08
C LEU B 32 -8.25 3.76 16.34
N PHE B 33 -7.26 4.40 15.73
CA PHE B 33 -5.88 3.99 15.90
C PHE B 33 -5.46 4.12 17.36
N GLY B 34 -5.78 5.26 17.96
CA GLY B 34 -5.44 5.47 19.35
C GLY B 34 -6.03 4.39 20.23
N ALA B 35 -7.28 4.03 19.94
CA ALA B 35 -7.96 3.00 20.71
C ALA B 35 -7.20 1.67 20.61
N ILE B 36 -6.81 1.31 19.38
CA ILE B 36 -6.08 0.09 19.16
C ILE B 36 -4.75 0.15 19.90
N ALA B 37 -4.07 1.29 19.80
CA ALA B 37 -2.79 1.49 20.47
C ALA B 37 -3.01 1.35 21.97
N TYR B 38 -4.05 1.99 22.48
CA TYR B 38 -4.38 1.94 23.90
C TYR B 38 -4.59 0.48 24.33
N GLY B 39 -5.28 -0.27 23.48
CA GLY B 39 -5.54 -1.66 23.79
C GLY B 39 -4.26 -2.42 24.06
N GLU B 40 -3.23 -2.15 23.26
CA GLU B 40 -1.93 -2.81 23.41
C GLU B 40 -1.25 -2.40 24.70
N VAL B 41 -1.28 -1.10 24.99
CA VAL B 41 -0.66 -0.60 26.21
C VAL B 41 -1.32 -1.24 27.43
N THR B 42 -2.65 -1.23 27.44
CA THR B 42 -3.41 -1.80 28.54
C THR B 42 -3.10 -3.29 28.72
N ALA B 43 -3.11 -4.03 27.62
CA ALA B 43 -2.82 -5.45 27.65
C ALA B 43 -1.42 -5.69 28.21
N ALA B 44 -0.46 -4.91 27.72
CA ALA B 44 0.93 -5.02 28.17
C ALA B 44 1.03 -4.71 29.67
N ALA B 45 0.31 -3.68 30.12
CA ALA B 45 0.35 -3.29 31.52
C ALA B 45 -0.11 -4.43 32.42
N ALA B 46 -1.09 -5.20 31.94
CA ALA B 46 -1.64 -6.32 32.69
C ALA B 46 -0.58 -7.34 33.08
N THR B 47 0.49 -7.45 32.29
CA THR B 47 1.55 -8.41 32.58
C THR B 47 2.37 -7.98 33.79
N GLY B 48 2.54 -6.68 33.95
CA GLY B 48 3.32 -6.17 35.06
C GLY B 48 4.74 -5.85 34.68
N ASP B 49 5.08 -6.09 33.41
CA ASP B 49 6.42 -5.84 32.92
C ASP B 49 6.53 -4.42 32.35
N ALA B 50 7.28 -3.56 33.05
CA ALA B 50 7.47 -2.18 32.63
C ALA B 50 8.04 -2.08 31.22
N ALA B 51 8.89 -3.02 30.86
CA ALA B 51 9.52 -3.05 29.54
C ALA B 51 8.49 -3.34 28.44
N ALA B 52 7.56 -4.24 28.75
CA ALA B 52 6.52 -4.62 27.80
C ALA B 52 5.62 -3.42 27.51
N VAL B 53 5.33 -2.65 28.56
CA VAL B 53 4.49 -1.48 28.42
C VAL B 53 5.22 -0.44 27.59
N GLN B 54 6.50 -0.25 27.88
CA GLN B 54 7.32 0.72 27.15
C GLN B 54 7.31 0.41 25.64
N GLU B 55 7.46 -0.86 25.31
CA GLU B 55 7.48 -1.28 23.90
C GLU B 55 6.17 -0.92 23.21
N ALA B 56 5.04 -1.22 23.86
CA ALA B 56 3.74 -0.93 23.28
C ALA B 56 3.54 0.58 23.15
N ALA B 57 4.05 1.33 24.12
CA ALA B 57 3.92 2.79 24.12
C ALA B 57 4.73 3.47 23.02
N VAL B 58 5.98 3.07 22.85
CA VAL B 58 6.84 3.64 21.82
C VAL B 58 6.21 3.35 20.46
N SER B 59 5.67 2.14 20.34
CA SER B 59 5.01 1.72 19.11
C SER B 59 3.81 2.62 18.86
N ALA B 60 3.01 2.86 19.90
CA ALA B 60 1.83 3.71 19.78
C ALA B 60 2.19 5.13 19.34
N ILE B 61 3.21 5.70 19.98
CA ILE B 61 3.64 7.06 19.66
C ILE B 61 4.13 7.18 18.23
N LEU B 62 5.03 6.27 17.83
CA LEU B 62 5.55 6.28 16.47
C LEU B 62 4.44 6.01 15.46
N GLY B 63 3.51 5.14 15.84
CA GLY B 63 2.40 4.82 14.96
C GLY B 63 1.51 6.03 14.70
N LEU B 64 1.20 6.76 15.77
CA LEU B 64 0.36 7.96 15.64
C LEU B 64 1.04 9.01 14.78
N ILE B 65 2.35 9.15 14.92
CA ILE B 65 3.10 10.11 14.14
C ILE B 65 3.05 9.73 12.66
N ILE B 66 3.23 8.44 12.38
CA ILE B 66 3.17 7.95 11.00
C ILE B 66 1.76 8.18 10.46
N LEU B 67 0.76 7.92 11.29
CA LEU B 67 -0.62 8.09 10.88
C LEU B 67 -0.84 9.53 10.41
N LEU B 68 -0.21 10.49 11.08
CA LEU B 68 -0.33 11.90 10.71
C LEU B 68 0.30 12.07 9.33
N GLY B 69 1.42 11.39 9.12
CA GLY B 69 2.08 11.47 7.82
C GLY B 69 1.14 10.99 6.74
N ILE B 70 0.50 9.85 6.98
CA ILE B 70 -0.42 9.28 6.03
C ILE B 70 -1.56 10.24 5.75
N ASN B 71 -2.24 10.68 6.80
CA ASN B 71 -3.37 11.60 6.67
C ASN B 71 -2.97 12.86 5.91
N LEU B 72 -1.84 13.44 6.26
CA LEU B 72 -1.37 14.65 5.59
C LEU B 72 -1.13 14.38 4.11
N GLY B 73 -0.43 13.29 3.83
CA GLY B 73 -0.14 12.93 2.45
C GLY B 73 -1.41 12.77 1.64
N LEU B 74 -2.42 12.15 2.26
CA LEU B 74 -3.70 11.92 1.61
C LEU B 74 -4.37 13.24 1.26
N VAL B 75 -4.44 14.13 2.24
CA VAL B 75 -5.06 15.44 2.03
C VAL B 75 -4.36 16.17 0.90
N ALA B 76 -3.03 16.14 0.90
CA ALA B 76 -2.23 16.81 -0.12
C ALA B 76 -2.36 16.20 -1.50
C1 BOG C . -8.91 5.93 -23.03
O1 BOG C . -8.99 7.02 -22.10
C2 BOG C . -9.41 6.43 -24.41
O2 BOG C . -10.76 6.88 -24.28
C3 BOG C . -9.31 5.27 -25.43
O3 BOG C . -9.78 5.70 -26.70
C4 BOG C . -7.83 4.84 -25.52
O4 BOG C . -7.70 3.77 -26.47
C5 BOG C . -7.34 4.36 -24.09
O5 BOG C . -7.52 5.47 -23.16
C6 BOG C . -5.86 3.96 -24.09
O6 BOG C . -5.56 2.91 -25.01
C1' BOG C . -8.60 6.67 -20.79
C2' BOG C . -9.88 6.49 -20.04
C3' BOG C . -9.58 5.85 -18.73
C4' BOG C . -10.84 5.62 -17.97
C5' BOG C . -10.54 4.96 -16.66
C6' BOG C . -11.80 4.72 -15.86
C7' BOG C . -11.42 4.05 -14.58
C8' BOG C . -12.62 3.82 -13.76
C1 RET D . 9.64 -1.74 0.75
C2 RET D . 11.04 -2.04 1.32
C3 RET D . 12.18 -1.57 0.49
C4 RET D . 12.09 -0.10 0.11
C5 RET D . 10.70 0.34 -0.39
C6 RET D . 9.58 -0.45 -0.14
C7 RET D . 8.35 0.04 -0.79
C8 RET D . 7.08 -0.47 -0.79
C9 RET D . 5.90 0.08 -1.45
C10 RET D . 4.79 -0.69 -1.27
C11 RET D . 3.50 -0.29 -1.88
C12 RET D . 2.45 -1.17 -1.63
C13 RET D . 1.11 -0.94 -2.18
C14 RET D . 0.21 -1.90 -1.86
C15 RET D . -0.95 -2.16 -2.70
C16 RET D . 9.21 -3.00 -0.10
C17 RET D . 8.75 -1.65 2.06
C18 RET D . 10.84 1.60 -1.19
C19 RET D . 5.98 1.36 -2.24
C20 RET D . 0.81 0.27 -3.02
N GLY A 2 -6.78 -10.18 17.76
CA GLY A 2 -6.99 -8.87 17.17
C GLY A 2 -6.31 -8.80 15.83
N LEU A 3 -5.19 -9.51 15.67
CA LEU A 3 -4.49 -9.50 14.40
C LEU A 3 -5.41 -9.99 13.29
N THR A 4 -5.94 -11.21 13.43
CA THR A 4 -6.82 -11.76 12.41
C THR A 4 -8.06 -10.87 12.22
N THR A 5 -8.46 -10.19 13.27
CA THR A 5 -9.61 -9.29 13.18
C THR A 5 -9.26 -8.12 12.29
N LEU A 6 -8.03 -7.62 12.41
CA LEU A 6 -7.61 -6.53 11.56
C LEU A 6 -7.46 -7.06 10.14
N PHE A 7 -7.01 -8.32 10.02
CA PHE A 7 -6.85 -8.93 8.70
C PHE A 7 -8.22 -9.12 8.04
N TRP A 8 -9.21 -9.55 8.83
CA TRP A 8 -10.55 -9.76 8.29
C TRP A 8 -11.13 -8.42 7.82
N LEU A 9 -10.83 -7.36 8.57
CA LEU A 9 -11.32 -6.04 8.21
C LEU A 9 -10.74 -5.61 6.86
N GLY A 10 -9.47 -5.92 6.63
CA GLY A 10 -8.85 -5.58 5.37
C GLY A 10 -9.46 -6.42 4.24
N ALA A 11 -9.71 -7.70 4.51
CA ALA A 11 -10.29 -8.55 3.47
C ALA A 11 -11.63 -7.96 3.02
N ILE A 12 -12.42 -7.48 3.99
CA ILE A 12 -13.73 -6.88 3.74
C ILE A 12 -13.62 -5.57 2.95
N GLY A 13 -12.73 -4.69 3.40
CA GLY A 13 -12.56 -3.42 2.70
C GLY A 13 -12.17 -3.66 1.25
N MET A 14 -11.26 -4.60 1.04
CA MET A 14 -10.81 -4.95 -0.30
C MET A 14 -11.96 -5.56 -1.09
N LEU A 15 -12.74 -6.42 -0.42
CA LEU A 15 -13.88 -7.05 -1.07
C LEU A 15 -14.88 -5.96 -1.48
N VAL A 16 -15.14 -5.03 -0.58
CA VAL A 16 -16.08 -3.96 -0.88
C VAL A 16 -15.61 -3.20 -2.13
N GLY A 17 -14.32 -2.93 -2.20
CA GLY A 17 -13.79 -2.22 -3.35
C GLY A 17 -13.95 -3.02 -4.64
N THR A 18 -13.53 -4.27 -4.60
CA THR A 18 -13.61 -5.13 -5.78
C THR A 18 -15.03 -5.15 -6.36
N LEU A 19 -16.02 -5.28 -5.49
CA LEU A 19 -17.40 -5.30 -5.92
C LEU A 19 -17.80 -3.91 -6.43
N ALA A 20 -17.41 -2.89 -5.69
CA ALA A 20 -17.72 -1.54 -6.08
C ALA A 20 -17.17 -1.23 -7.47
N PHE A 21 -15.94 -1.67 -7.73
CA PHE A 21 -15.32 -1.41 -9.03
C PHE A 21 -15.86 -2.30 -10.14
N ALA A 22 -16.23 -3.54 -9.81
CA ALA A 22 -16.78 -4.47 -10.80
C ALA A 22 -18.11 -3.93 -11.31
N TRP A 23 -18.93 -3.44 -10.38
CA TRP A 23 -20.22 -2.88 -10.69
C TRP A 23 -20.04 -1.56 -11.44
N ALA A 24 -19.05 -0.78 -11.01
CA ALA A 24 -18.77 0.52 -11.63
C ALA A 24 -18.50 0.43 -13.13
N GLY A 25 -17.88 -0.67 -13.55
CA GLY A 25 -17.58 -0.83 -14.96
C GLY A 25 -18.45 -1.85 -15.66
N ARG A 26 -19.57 -2.21 -15.04
CA ARG A 26 -20.47 -3.18 -15.63
C ARG A 26 -20.78 -2.88 -17.10
N ASP A 27 -20.88 -1.59 -17.42
CA ASP A 27 -21.19 -1.19 -18.80
C ASP A 27 -20.05 -0.45 -19.50
N ALA A 28 -18.81 -0.86 -19.23
CA ALA A 28 -17.66 -0.21 -19.84
C ALA A 28 -17.63 -0.38 -21.36
N GLY A 29 -17.16 0.69 -22.01
CA GLY A 29 -16.95 0.69 -23.45
C GLY A 29 -15.64 -0.07 -23.64
N SER A 30 -15.37 -0.53 -24.85
CA SER A 30 -14.16 -1.31 -25.10
C SER A 30 -12.89 -0.69 -24.55
N GLY A 31 -12.31 0.22 -25.31
CA GLY A 31 -11.09 0.85 -24.88
C GLY A 31 -11.19 1.45 -23.51
N GLU A 32 -11.98 0.86 -22.61
CA GLU A 32 -11.95 1.59 -21.33
C GLU A 32 -12.19 0.59 -20.20
N ARG A 33 -12.62 -0.61 -20.56
CA ARG A 33 -12.89 -1.65 -19.59
C ARG A 33 -11.62 -2.23 -18.97
N ARG A 34 -10.49 -2.02 -19.65
CA ARG A 34 -9.19 -2.50 -19.17
C ARG A 34 -8.85 -1.83 -17.84
N TYR A 35 -9.26 -0.58 -17.70
CA TYR A 35 -9.00 0.18 -16.49
C TYR A 35 -9.82 -0.38 -15.34
N TYR A 36 -11.10 -0.63 -15.60
CA TYR A 36 -12.00 -1.19 -14.60
C TYR A 36 -11.54 -2.58 -14.20
N VAL A 37 -11.17 -3.39 -15.19
CA VAL A 37 -10.73 -4.76 -14.95
C VAL A 37 -9.43 -4.80 -14.14
N THR A 38 -8.60 -3.78 -14.30
CA THR A 38 -7.34 -3.73 -13.57
C THR A 38 -7.62 -3.40 -12.11
N LEU A 39 -8.55 -2.47 -11.88
CA LEU A 39 -8.92 -2.08 -10.53
C LEU A 39 -9.49 -3.26 -9.73
N VAL A 40 -10.31 -4.07 -10.40
CA VAL A 40 -10.91 -5.25 -9.78
C VAL A 40 -9.82 -6.26 -9.43
N GLY A 41 -8.81 -6.38 -10.30
CA GLY A 41 -7.71 -7.30 -10.07
C GLY A 41 -6.83 -6.89 -8.89
N ILE A 42 -6.56 -5.60 -8.79
CA ILE A 42 -5.73 -5.08 -7.70
C ILE A 42 -6.33 -5.31 -6.31
N SER A 43 -7.58 -4.87 -6.11
CA SER A 43 -8.20 -5.06 -4.81
C SER A 43 -8.65 -6.51 -4.64
N GLY A 44 -8.88 -7.20 -5.75
CA GLY A 44 -9.29 -8.60 -5.69
C GLY A 44 -8.18 -9.48 -5.14
N ILE A 45 -6.98 -9.32 -5.66
CA ILE A 45 -5.83 -10.09 -5.19
C ILE A 45 -5.57 -9.69 -3.73
N ALA A 46 -5.68 -8.40 -3.45
CA ALA A 46 -5.45 -7.93 -2.08
C ALA A 46 -6.46 -8.59 -1.13
N ALA A 47 -7.71 -8.71 -1.56
CA ALA A 47 -8.72 -9.35 -0.73
C ALA A 47 -8.31 -10.78 -0.36
N VAL A 48 -7.79 -11.53 -1.34
CA VAL A 48 -7.37 -12.90 -1.11
C VAL A 48 -6.21 -12.94 -0.11
N ALA A 49 -5.20 -12.12 -0.35
CA ALA A 49 -4.05 -12.06 0.55
C ALA A 49 -4.52 -11.78 1.98
N TYR A 50 -5.48 -10.88 2.12
CA TYR A 50 -6.00 -10.58 3.45
C TYR A 50 -6.82 -11.73 4.05
N VAL A 51 -7.56 -12.45 3.22
CA VAL A 51 -8.31 -13.59 3.72
C VAL A 51 -7.28 -14.64 4.18
N VAL A 52 -6.27 -14.88 3.34
CA VAL A 52 -5.23 -15.84 3.69
C VAL A 52 -4.59 -15.50 5.04
N MET A 53 -4.31 -14.21 5.28
CA MET A 53 -3.71 -13.84 6.55
C MET A 53 -4.72 -13.99 7.69
N ALA A 54 -5.97 -13.58 7.45
CA ALA A 54 -7.01 -13.73 8.47
C ALA A 54 -7.09 -15.20 8.92
N LEU A 55 -6.97 -16.10 7.95
CA LEU A 55 -7.01 -17.54 8.22
C LEU A 55 -5.74 -18.04 8.89
N GLY A 56 -4.80 -17.13 9.18
CA GLY A 56 -3.56 -17.52 9.82
C GLY A 56 -2.61 -18.28 8.92
N VAL A 57 -2.72 -18.05 7.62
CA VAL A 57 -1.84 -18.74 6.69
C VAL A 57 -0.75 -17.78 6.20
N GLY A 58 0.49 -18.26 6.20
CA GLY A 58 1.62 -17.44 5.77
C GLY A 58 2.29 -16.59 6.84
N TRP A 59 2.20 -17.01 8.10
CA TRP A 59 2.84 -16.27 9.17
C TRP A 59 4.18 -16.96 9.36
N VAL A 60 5.19 -16.52 8.61
CA VAL A 60 6.51 -17.12 8.65
C VAL A 60 7.45 -16.57 9.72
N PRO A 61 7.94 -17.45 10.61
CA PRO A 61 8.84 -17.05 11.70
C PRO A 61 10.27 -16.85 11.18
N VAL A 62 10.80 -15.64 11.37
CA VAL A 62 12.16 -15.33 10.94
C VAL A 62 12.97 -14.61 12.01
N ALA A 63 13.88 -15.34 12.63
CA ALA A 63 14.77 -14.81 13.65
C ALA A 63 14.20 -13.73 14.58
N GLU A 64 13.34 -14.14 15.50
CA GLU A 64 12.75 -13.23 16.48
C GLU A 64 11.53 -12.39 16.05
N ARG A 65 11.02 -12.63 14.85
CA ARG A 65 9.83 -11.93 14.39
C ARG A 65 9.05 -12.77 13.38
N THR A 66 7.79 -12.42 13.16
CA THR A 66 6.96 -13.16 12.21
C THR A 66 6.73 -12.35 10.95
N VAL A 67 6.95 -12.99 9.81
CA VAL A 67 6.78 -12.32 8.52
C VAL A 67 5.52 -12.76 7.80
N PHE A 68 4.62 -11.81 7.56
CA PHE A 68 3.36 -12.07 6.87
C PHE A 68 3.66 -12.11 5.38
N ALA A 69 4.07 -13.29 4.92
CA ALA A 69 4.42 -13.50 3.54
C ALA A 69 3.36 -13.04 2.54
N PRO A 70 2.07 -13.25 2.85
CA PRO A 70 1.02 -12.83 1.90
C PRO A 70 1.00 -11.32 1.64
N ARG A 71 1.45 -10.55 2.62
CA ARG A 71 1.48 -9.09 2.49
C ARG A 71 2.44 -8.70 1.35
N TYR A 72 3.62 -9.32 1.35
CA TYR A 72 4.65 -9.04 0.35
C TYR A 72 4.28 -9.63 -1.01
N ILE A 73 3.70 -10.83 -0.99
CA ILE A 73 3.27 -11.49 -2.20
C ILE A 73 2.22 -10.62 -2.90
N ASP A 74 1.32 -10.05 -2.10
CA ASP A 74 0.26 -9.16 -2.59
C ASP A 74 0.92 -8.00 -3.35
N TRP A 75 1.83 -7.29 -2.69
CA TRP A 75 2.49 -6.15 -3.31
C TRP A 75 3.13 -6.50 -4.65
N ILE A 76 3.90 -7.60 -4.66
CA ILE A 76 4.56 -8.09 -5.84
C ILE A 76 3.57 -8.25 -7.00
N LEU A 77 2.35 -8.68 -6.69
CA LEU A 77 1.35 -8.92 -7.73
C LEU A 77 0.45 -7.71 -8.06
N THR A 78 0.11 -6.88 -7.09
CA THR A 78 -0.77 -5.75 -7.37
C THR A 78 -0.06 -4.49 -7.86
N THR A 79 1.05 -4.13 -7.22
CA THR A 79 1.79 -2.94 -7.63
C THR A 79 2.06 -2.96 -9.14
N PRO A 80 2.45 -4.12 -9.69
CA PRO A 80 2.68 -4.04 -11.15
C PRO A 80 1.35 -3.70 -11.88
N LEU A 81 0.23 -4.08 -11.29
CA LEU A 81 -1.06 -3.77 -11.92
C LEU A 81 -1.35 -2.29 -11.76
N ILE A 82 -0.91 -1.72 -10.64
CA ILE A 82 -1.11 -0.30 -10.40
C ILE A 82 -0.24 0.48 -11.40
N VAL A 83 0.97 -0.01 -11.63
CA VAL A 83 1.87 0.63 -12.58
C VAL A 83 1.26 0.59 -13.98
N TYR A 84 0.71 -0.55 -14.34
CA TYR A 84 0.09 -0.73 -15.67
C TYR A 84 -1.01 0.28 -15.89
N PHE A 85 -1.84 0.47 -14.87
CA PHE A 85 -2.95 1.40 -14.94
C PHE A 85 -2.40 2.80 -15.21
N LEU A 86 -1.33 3.17 -14.50
CA LEU A 86 -0.74 4.47 -14.70
C LEU A 86 -0.08 4.58 -16.07
N GLY A 87 0.60 3.53 -16.49
CA GLY A 87 1.25 3.53 -17.80
C GLY A 87 0.23 3.65 -18.93
N LEU A 88 -0.93 3.03 -18.71
CA LEU A 88 -2.02 3.07 -19.69
C LEU A 88 -2.51 4.52 -19.82
N LEU A 89 -2.64 5.20 -18.70
CA LEU A 89 -3.07 6.59 -18.70
C LEU A 89 -2.00 7.45 -19.35
N ALA A 90 -0.75 7.26 -18.94
CA ALA A 90 0.34 8.03 -19.51
C ALA A 90 0.57 7.59 -20.95
N GLY A 91 -0.21 6.59 -21.38
CA GLY A 91 -0.09 6.08 -22.73
C GLY A 91 1.29 5.60 -23.16
N LEU A 92 1.95 4.83 -22.30
CA LEU A 92 3.29 4.31 -22.58
C LEU A 92 3.27 3.18 -23.60
N ASP A 93 4.41 2.90 -24.21
CA ASP A 93 4.51 1.79 -25.16
C ASP A 93 5.23 0.64 -24.44
N SER A 94 5.41 -0.48 -25.14
CA SER A 94 6.05 -1.69 -24.60
C SER A 94 7.37 -1.46 -23.86
N ARG A 95 8.23 -0.65 -24.45
CA ARG A 95 9.53 -0.32 -23.89
C ARG A 95 9.38 0.35 -22.53
N GLU A 96 8.63 1.46 -22.50
CA GLU A 96 8.40 2.20 -21.27
C GLU A 96 7.75 1.35 -20.19
N PHE A 97 6.78 0.52 -20.56
CA PHE A 97 6.12 -0.35 -19.58
C PHE A 97 7.13 -1.32 -18.96
N GLY A 98 8.01 -1.88 -19.78
CA GLY A 98 9.01 -2.83 -19.31
C GLY A 98 9.97 -2.22 -18.32
N ILE A 99 10.23 -0.93 -18.48
CA ILE A 99 11.12 -0.20 -17.60
C ILE A 99 10.51 0.03 -16.21
N VAL A 100 9.27 0.52 -16.15
CA VAL A 100 8.64 0.78 -14.86
C VAL A 100 8.29 -0.50 -14.10
N ILE A 101 7.82 -1.52 -14.81
CA ILE A 101 7.46 -2.78 -14.17
C ILE A 101 8.72 -3.43 -13.59
N THR A 102 9.82 -3.31 -14.32
CA THR A 102 11.10 -3.84 -13.88
C THR A 102 11.50 -3.18 -12.56
N LEU A 103 11.58 -1.86 -12.56
CA LEU A 103 11.96 -1.14 -11.35
C LEU A 103 11.03 -1.55 -10.22
N ASN A 104 9.72 -1.48 -10.50
CA ASN A 104 8.70 -1.86 -9.53
C ASN A 104 8.93 -3.25 -8.93
N THR A 105 9.17 -4.23 -9.79
CA THR A 105 9.36 -5.60 -9.32
C THR A 105 10.59 -5.73 -8.41
N VAL A 106 11.63 -4.95 -8.68
CA VAL A 106 12.86 -4.97 -7.86
C VAL A 106 12.55 -4.46 -6.46
N VAL A 107 11.71 -3.42 -6.38
CA VAL A 107 11.31 -2.88 -5.10
C VAL A 107 10.62 -3.99 -4.27
N MET A 108 9.56 -4.55 -4.84
CA MET A 108 8.77 -5.57 -4.14
C MET A 108 9.53 -6.83 -3.78
N LEU A 109 10.31 -7.34 -4.70
CA LEU A 109 11.10 -8.54 -4.45
C LEU A 109 12.14 -8.28 -3.37
N ALA A 110 12.77 -7.11 -3.41
CA ALA A 110 13.79 -6.77 -2.42
C ALA A 110 13.20 -6.70 -1.02
N GLY A 111 12.04 -6.06 -0.89
CA GLY A 111 11.43 -5.95 0.43
C GLY A 111 10.99 -7.31 0.93
N PHE A 112 10.48 -8.14 0.03
CA PHE A 112 10.04 -9.47 0.39
C PHE A 112 11.22 -10.30 0.87
N ALA A 113 12.29 -10.34 0.07
CA ALA A 113 13.47 -11.11 0.43
C ALA A 113 14.07 -10.61 1.75
N GLY A 114 14.20 -9.28 1.87
CA GLY A 114 14.77 -8.73 3.09
C GLY A 114 13.99 -9.09 4.36
N ALA A 115 12.67 -9.15 4.24
CA ALA A 115 11.81 -9.48 5.37
C ALA A 115 12.01 -10.92 5.84
N MET A 116 12.59 -11.74 4.96
CA MET A 116 12.83 -13.14 5.26
C MET A 116 14.28 -13.45 5.69
N VAL A 117 15.12 -12.42 5.84
CA VAL A 117 16.54 -12.62 6.22
C VAL A 117 16.97 -11.80 7.45
N PRO A 118 17.97 -12.30 8.21
CA PRO A 118 18.49 -11.63 9.41
C PRO A 118 19.62 -10.60 9.21
N GLY A 119 20.16 -10.16 10.34
CA GLY A 119 21.26 -9.21 10.40
C GLY A 119 21.37 -8.10 9.37
N ILE A 120 22.60 -7.66 9.19
CA ILE A 120 22.94 -6.60 8.26
C ILE A 120 22.40 -6.82 6.85
N GLU A 121 22.39 -8.06 6.39
CA GLU A 121 21.96 -8.35 5.03
C GLU A 121 20.57 -7.90 4.61
N ARG A 122 19.58 -8.08 5.47
CA ARG A 122 18.24 -7.66 5.10
C ARG A 122 18.23 -6.18 4.77
N TYR A 123 19.19 -5.45 5.34
CA TYR A 123 19.28 -4.01 5.07
C TYR A 123 19.91 -3.72 3.71
N ALA A 124 20.69 -4.66 3.19
CA ALA A 124 21.30 -4.47 1.87
C ALA A 124 20.17 -4.70 0.86
N LEU A 125 19.32 -5.66 1.18
CA LEU A 125 18.18 -5.98 0.33
C LEU A 125 17.23 -4.78 0.38
N PHE A 126 17.11 -4.18 1.57
CA PHE A 126 16.26 -3.00 1.72
C PHE A 126 16.75 -1.89 0.82
N GLY A 127 18.07 -1.65 0.85
CA GLY A 127 18.66 -0.61 0.02
C GLY A 127 18.39 -0.86 -1.44
N MET A 128 18.51 -2.12 -1.87
CA MET A 128 18.25 -2.43 -3.26
C MET A 128 16.84 -1.98 -3.63
N GLY A 129 15.89 -2.18 -2.72
CA GLY A 129 14.53 -1.77 -2.97
C GLY A 129 14.32 -0.25 -2.98
N ALA A 130 14.96 0.44 -2.03
CA ALA A 130 14.83 1.88 -1.93
C ALA A 130 15.40 2.57 -3.16
N VAL A 131 16.54 2.09 -3.65
CA VAL A 131 17.14 2.70 -4.83
C VAL A 131 16.25 2.46 -6.07
N ALA A 132 15.75 1.24 -6.20
CA ALA A 132 14.87 0.92 -7.31
C ALA A 132 13.66 1.86 -7.23
N PHE A 133 13.09 1.99 -6.03
CA PHE A 133 11.92 2.85 -5.83
C PHE A 133 12.22 4.27 -6.31
N LEU A 134 13.36 4.83 -5.87
CA LEU A 134 13.72 6.17 -6.29
C LEU A 134 13.73 6.24 -7.82
N GLY A 135 14.22 5.19 -8.45
CA GLY A 135 14.21 5.14 -9.90
C GLY A 135 12.76 5.14 -10.40
N LEU A 136 11.89 4.38 -9.74
CA LEU A 136 10.48 4.34 -10.12
C LEU A 136 9.82 5.72 -9.94
N VAL A 137 10.10 6.40 -8.82
CA VAL A 137 9.52 7.72 -8.59
C VAL A 137 9.92 8.71 -9.70
N TYR A 138 11.20 8.69 -10.08
CA TYR A 138 11.72 9.55 -11.15
C TYR A 138 11.00 9.28 -12.48
N TYR A 139 10.77 8.00 -12.78
CA TYR A 139 10.09 7.64 -14.01
C TYR A 139 8.65 8.10 -13.97
N LEU A 140 8.02 8.02 -12.79
CA LEU A 140 6.64 8.45 -12.63
C LEU A 140 6.47 9.95 -12.89
N VAL A 141 7.49 10.72 -12.53
CA VAL A 141 7.45 12.17 -12.72
C VAL A 141 8.00 12.60 -14.08
N GLY A 142 9.19 12.13 -14.40
CA GLY A 142 9.79 12.49 -15.67
C GLY A 142 9.08 11.88 -16.86
N PRO A 143 9.70 10.87 -17.49
CA PRO A 143 9.20 10.14 -18.67
C PRO A 143 7.70 9.83 -18.68
N MET A 144 7.16 9.38 -17.55
CA MET A 144 5.74 9.04 -17.53
C MET A 144 4.87 10.28 -17.63
N THR A 145 5.19 11.31 -16.86
CA THR A 145 4.45 12.55 -16.92
C THR A 145 4.63 13.14 -18.32
N GLU A 146 5.84 12.99 -18.87
CA GLU A 146 6.10 13.49 -20.22
C GLU A 146 4.99 12.90 -21.08
N SER A 147 5.04 11.59 -21.26
CA SER A 147 4.06 10.87 -22.06
C SER A 147 2.59 11.22 -21.80
N ALA A 148 2.24 11.46 -20.54
CA ALA A 148 0.87 11.79 -20.18
C ALA A 148 0.49 13.17 -20.73
N SER A 149 1.50 13.94 -21.13
CA SER A 149 1.29 15.28 -21.67
C SER A 149 0.69 15.25 -23.06
N GLN A 150 0.96 14.17 -23.81
CA GLN A 150 0.44 14.02 -25.17
C GLN A 150 -1.03 13.60 -25.25
N ARG A 151 -1.64 13.24 -24.12
CA ARG A 151 -3.03 12.80 -24.11
C ARG A 151 -3.96 13.96 -23.72
N SER A 152 -5.27 13.72 -23.82
CA SER A 152 -6.26 14.74 -23.50
C SER A 152 -5.96 15.44 -22.17
N SER A 153 -6.60 16.58 -21.97
CA SER A 153 -6.44 17.37 -20.77
C SER A 153 -6.79 16.57 -19.52
N GLY A 154 -7.97 15.97 -19.53
CA GLY A 154 -8.44 15.20 -18.39
C GLY A 154 -7.67 13.93 -18.10
N ILE A 155 -7.18 13.27 -19.14
CA ILE A 155 -6.40 12.06 -18.98
C ILE A 155 -5.05 12.44 -18.38
N LYS A 156 -4.48 13.54 -18.86
CA LYS A 156 -3.21 14.03 -18.34
C LYS A 156 -3.44 14.52 -16.91
N SER A 157 -4.66 14.96 -16.64
CA SER A 157 -4.98 15.45 -15.30
C SER A 157 -5.37 14.35 -14.31
N LEU A 158 -5.85 13.22 -14.81
CA LEU A 158 -6.20 12.10 -13.92
C LEU A 158 -4.88 11.42 -13.55
N TYR A 159 -4.03 11.27 -14.56
CA TYR A 159 -2.73 10.64 -14.35
C TYR A 159 -1.98 11.36 -13.24
N VAL A 160 -2.01 12.69 -13.29
CA VAL A 160 -1.33 13.51 -12.30
C VAL A 160 -1.85 13.27 -10.90
N ARG A 161 -3.18 13.22 -10.77
CA ARG A 161 -3.84 12.98 -9.48
C ARG A 161 -3.42 11.62 -8.90
N LEU A 162 -3.35 10.61 -9.76
CA LEU A 162 -2.99 9.27 -9.32
C LEU A 162 -1.47 9.16 -9.12
N ARG A 163 -0.73 10.02 -9.81
CA ARG A 163 0.72 10.04 -9.72
C ARG A 163 1.18 10.67 -8.39
N ASN A 164 0.37 11.60 -7.86
CA ASN A 164 0.70 12.27 -6.60
C ASN A 164 0.39 11.38 -5.39
N LEU A 165 -0.75 10.71 -5.44
CA LEU A 165 -1.17 9.81 -4.37
C LEU A 165 -0.13 8.67 -4.26
N THR A 166 0.22 8.10 -5.41
CA THR A 166 1.18 7.00 -5.45
C THR A 166 2.54 7.36 -4.88
N VAL A 167 3.16 8.43 -5.36
CA VAL A 167 4.46 8.81 -4.85
C VAL A 167 4.44 9.11 -3.34
N ILE A 168 3.36 9.73 -2.87
CA ILE A 168 3.23 10.09 -1.46
C ILE A 168 2.98 8.90 -0.53
N LEU A 169 2.07 8.01 -0.90
CA LEU A 169 1.76 6.87 -0.05
C LEU A 169 2.73 5.72 -0.15
N TRP A 170 3.34 5.52 -1.31
CA TRP A 170 4.30 4.43 -1.47
C TRP A 170 5.60 4.78 -0.75
N ALA A 171 5.85 6.07 -0.54
CA ALA A 171 7.08 6.48 0.13
C ALA A 171 7.02 6.19 1.61
N ILE A 172 5.81 5.93 2.10
CA ILE A 172 5.61 5.63 3.50
C ILE A 172 5.89 4.15 3.84
N TYR A 173 5.58 3.24 2.92
CA TYR A 173 5.81 1.81 3.16
C TYR A 173 7.25 1.49 3.60
N PRO A 174 8.26 2.04 2.90
CA PRO A 174 9.63 1.73 3.35
C PRO A 174 9.87 2.12 4.81
N PHE A 175 9.21 3.19 5.25
CA PHE A 175 9.33 3.65 6.64
C PHE A 175 8.69 2.68 7.60
N ILE A 176 7.58 2.07 7.21
CA ILE A 176 6.93 1.10 8.07
C ILE A 176 7.77 -0.19 8.07
N TRP A 177 8.40 -0.49 6.95
CA TRP A 177 9.26 -1.67 6.85
C TRP A 177 10.43 -1.43 7.81
N LEU A 178 11.04 -0.25 7.72
CA LEU A 178 12.17 0.07 8.58
C LEU A 178 11.83 0.16 10.07
N LEU A 179 10.75 0.85 10.40
CA LEU A 179 10.36 1.01 11.81
C LEU A 179 9.66 -0.21 12.38
N GLY A 180 9.17 -1.07 11.50
CA GLY A 180 8.45 -2.25 11.94
C GLY A 180 9.27 -3.51 12.17
N PRO A 181 8.61 -4.67 12.32
CA PRO A 181 9.19 -6.00 12.56
C PRO A 181 10.32 -6.39 11.61
N PRO A 182 10.20 -6.07 10.31
CA PRO A 182 11.26 -6.40 9.35
C PRO A 182 12.54 -5.64 9.64
N GLY A 183 12.39 -4.47 10.27
CA GLY A 183 13.53 -3.63 10.57
C GLY A 183 14.00 -3.61 12.02
N VAL A 184 13.92 -2.45 12.67
CA VAL A 184 14.37 -2.34 14.06
C VAL A 184 13.29 -2.74 15.05
N ALA A 185 12.11 -3.05 14.54
CA ALA A 185 11.01 -3.50 15.37
C ALA A 185 10.54 -2.56 16.49
N LEU A 186 10.43 -1.27 16.19
CA LEU A 186 9.93 -0.29 17.16
C LEU A 186 8.39 -0.37 17.15
N LEU A 187 7.81 -0.64 15.99
CA LEU A 187 6.36 -0.78 15.87
C LEU A 187 6.05 -2.23 16.23
N THR A 188 4.96 -2.47 16.96
CA THR A 188 4.60 -3.83 17.33
C THR A 188 3.87 -4.49 16.17
N PRO A 189 3.67 -5.81 16.24
CA PRO A 189 2.98 -6.53 15.15
C PRO A 189 1.57 -6.02 14.90
N THR A 190 0.87 -5.66 15.96
CA THR A 190 -0.50 -5.15 15.83
C THR A 190 -0.50 -3.79 15.16
N VAL A 191 0.33 -2.89 15.65
CA VAL A 191 0.40 -1.56 15.09
C VAL A 191 0.86 -1.66 13.63
N ASP A 192 1.83 -2.51 13.37
CA ASP A 192 2.34 -2.71 12.00
C ASP A 192 1.20 -3.19 11.08
N VAL A 193 0.44 -4.17 11.56
CA VAL A 193 -0.70 -4.69 10.79
C VAL A 193 -1.78 -3.63 10.54
N ALA A 194 -2.10 -2.85 11.58
CA ALA A 194 -3.13 -1.80 11.47
C ALA A 194 -2.73 -0.72 10.47
N LEU A 195 -1.49 -0.27 10.53
CA LEU A 195 -1.01 0.74 9.61
C LEU A 195 -1.02 0.27 8.14
N ILE A 196 -0.56 -0.94 7.90
CA ILE A 196 -0.51 -1.45 6.52
C ILE A 196 -1.92 -1.68 5.97
N VAL A 197 -2.81 -2.17 6.82
CA VAL A 197 -4.19 -2.38 6.41
C VAL A 197 -4.75 -1.05 5.88
N TYR A 198 -4.52 0.02 6.63
CA TYR A 198 -5.01 1.32 6.26
C TYR A 198 -4.34 1.80 4.98
N LEU A 199 -3.03 1.63 4.91
CA LEU A 199 -2.30 2.04 3.70
C LEU A 199 -2.76 1.26 2.47
N ASP A 200 -2.78 -0.08 2.56
CA ASP A 200 -3.20 -0.90 1.42
C ASP A 200 -4.59 -0.51 0.91
N LEU A 201 -5.51 -0.28 1.86
CA LEU A 201 -6.88 0.09 1.52
C LEU A 201 -6.92 1.37 0.73
N VAL A 202 -6.17 2.35 1.20
CA VAL A 202 -6.10 3.64 0.54
C VAL A 202 -5.42 3.53 -0.83
N THR A 203 -4.14 3.18 -0.81
CA THR A 203 -3.37 3.08 -2.05
C THR A 203 -4.04 2.22 -3.11
N LYS A 204 -4.92 1.32 -2.70
CA LYS A 204 -5.61 0.45 -3.65
C LYS A 204 -7.08 0.89 -3.85
N VAL A 205 -7.94 0.63 -2.83
CA VAL A 205 -9.35 1.00 -2.96
C VAL A 205 -9.53 2.51 -3.15
N GLY A 206 -8.80 3.31 -2.36
CA GLY A 206 -8.90 4.75 -2.49
C GLY A 206 -8.51 5.17 -3.90
N PHE A 207 -7.35 4.69 -4.33
CA PHE A 207 -6.84 4.96 -5.67
C PHE A 207 -7.93 4.60 -6.69
N GLY A 208 -8.74 3.60 -6.35
CA GLY A 208 -9.79 3.18 -7.25
C GLY A 208 -10.90 4.21 -7.35
N PHE A 209 -11.45 4.58 -6.20
CA PHE A 209 -12.53 5.55 -6.15
C PHE A 209 -12.16 6.87 -6.83
N ILE A 210 -10.88 7.23 -6.76
CA ILE A 210 -10.42 8.46 -7.37
C ILE A 210 -10.49 8.33 -8.89
N ALA A 211 -10.21 7.14 -9.40
CA ALA A 211 -10.28 6.90 -10.83
C ALA A 211 -11.76 6.94 -11.22
N LEU A 212 -12.60 6.31 -10.40
CA LEU A 212 -14.03 6.28 -10.65
C LEU A 212 -14.63 7.69 -10.67
N ASP A 213 -14.21 8.52 -9.72
CA ASP A 213 -14.71 9.89 -9.63
C ASP A 213 -14.42 10.73 -10.87
N ALA A 214 -13.43 10.30 -11.64
CA ALA A 214 -13.05 11.03 -12.85
C ALA A 214 -13.75 10.49 -14.09
N ALA A 215 -14.21 9.25 -14.02
CA ALA A 215 -14.87 8.59 -15.15
C ALA A 215 -15.82 9.48 -15.96
N ALA A 216 -16.72 10.20 -15.29
CA ALA A 216 -17.70 11.05 -15.97
C ALA A 216 -17.04 12.13 -16.81
N THR A 217 -16.12 12.88 -16.21
CA THR A 217 -15.40 13.94 -16.90
C THR A 217 -14.69 13.42 -18.15
N LEU A 218 -14.12 12.23 -18.05
CA LEU A 218 -13.39 11.63 -19.15
C LEU A 218 -14.26 11.24 -20.34
N ARG A 219 -15.42 10.65 -20.06
CA ARG A 219 -16.31 10.24 -21.13
C ARG A 219 -16.78 11.41 -21.99
N ALA A 220 -17.35 12.43 -21.35
CA ALA A 220 -17.85 13.60 -22.07
C ALA A 220 -16.76 14.31 -22.89
N GLU A 221 -15.51 13.92 -22.70
CA GLU A 221 -14.38 14.52 -23.40
C GLU A 221 -14.13 13.89 -24.78
N ILE B 24 -13.72 14.62 8.57
CA ILE B 24 -14.23 13.72 9.60
C ILE B 24 -13.65 12.31 9.58
N PHE B 25 -13.16 11.86 8.43
CA PHE B 25 -12.58 10.52 8.31
C PHE B 25 -11.27 10.40 9.09
N VAL B 26 -10.24 11.07 8.60
CA VAL B 26 -8.93 11.04 9.24
C VAL B 26 -9.01 11.19 10.75
N GLY B 27 -9.89 12.09 11.20
CA GLY B 27 -10.04 12.30 12.63
C GLY B 27 -10.70 11.12 13.31
N ALA B 28 -11.52 10.39 12.56
CA ALA B 28 -12.22 9.23 13.10
C ALA B 28 -11.28 8.05 13.35
N LEU B 29 -10.41 7.77 12.39
CA LEU B 29 -9.48 6.66 12.51
C LEU B 29 -8.42 6.88 13.58
N THR B 30 -7.93 8.11 13.66
CA THR B 30 -6.92 8.47 14.66
C THR B 30 -7.36 8.00 16.04
N VAL B 31 -8.67 8.14 16.31
CA VAL B 31 -9.24 7.72 17.59
C VAL B 31 -9.27 6.20 17.66
N LEU B 32 -9.76 5.57 16.60
CA LEU B 32 -9.81 4.12 16.56
C LEU B 32 -8.40 3.57 16.76
N PHE B 33 -7.43 4.19 16.09
CA PHE B 33 -6.05 3.77 16.24
C PHE B 33 -5.64 3.98 17.69
N GLY B 34 -5.99 5.14 18.22
CA GLY B 34 -5.67 5.43 19.61
C GLY B 34 -6.17 4.32 20.52
N ALA B 35 -7.41 3.90 20.31
CA ALA B 35 -7.99 2.83 21.12
C ALA B 35 -7.22 1.52 20.95
N ILE B 36 -6.86 1.20 19.71
CA ILE B 36 -6.09 -0.02 19.46
C ILE B 36 -4.74 0.06 20.18
N ALA B 37 -4.08 1.22 20.11
CA ALA B 37 -2.80 1.39 20.78
C ALA B 37 -3.02 1.34 22.29
N TYR B 38 -4.17 1.85 22.72
CA TYR B 38 -4.52 1.84 24.13
C TYR B 38 -4.66 0.39 24.58
N GLY B 39 -5.34 -0.40 23.75
CA GLY B 39 -5.55 -1.80 24.06
C GLY B 39 -4.27 -2.58 24.32
N GLU B 40 -3.29 -2.42 23.45
CA GLU B 40 -2.04 -3.16 23.63
C GLU B 40 -1.29 -2.65 24.84
N VAL B 41 -1.33 -1.33 25.06
CA VAL B 41 -0.65 -0.76 26.21
C VAL B 41 -1.25 -1.35 27.49
N THR B 42 -2.58 -1.26 27.59
CA THR B 42 -3.29 -1.76 28.75
C THR B 42 -3.11 -3.27 28.91
N ALA B 43 -3.05 -3.98 27.78
CA ALA B 43 -2.84 -5.43 27.82
C ALA B 43 -1.45 -5.67 28.38
N ALA B 44 -0.49 -4.90 27.90
CA ALA B 44 0.90 -5.01 28.35
C ALA B 44 1.03 -4.58 29.81
N ALA B 45 0.12 -3.72 30.26
CA ALA B 45 0.15 -3.24 31.64
C ALA B 45 -0.12 -4.40 32.59
N ALA B 46 -1.02 -5.29 32.18
CA ALA B 46 -1.40 -6.45 32.97
C ALA B 46 -0.36 -7.57 32.96
N THR B 47 0.92 -7.22 33.07
CA THR B 47 1.99 -8.21 33.09
C THR B 47 3.02 -7.78 34.13
N GLY B 48 2.86 -6.56 34.64
CA GLY B 48 3.78 -6.05 35.63
C GLY B 48 5.15 -5.73 35.06
N ASP B 49 5.36 -6.03 33.79
CA ASP B 49 6.64 -5.77 33.17
C ASP B 49 6.63 -4.40 32.50
N ALA B 50 7.45 -3.50 33.03
CA ALA B 50 7.56 -2.14 32.50
C ALA B 50 7.99 -2.15 31.04
N ALA B 51 9.05 -2.91 30.75
CA ALA B 51 9.61 -3.03 29.40
C ALA B 51 8.52 -3.23 28.35
N ALA B 52 7.63 -4.18 28.58
CA ALA B 52 6.55 -4.47 27.65
C ALA B 52 5.69 -3.24 27.41
N VAL B 53 5.26 -2.60 28.50
CA VAL B 53 4.43 -1.40 28.40
C VAL B 53 5.19 -0.35 27.60
N GLN B 54 6.47 -0.20 27.90
CA GLN B 54 7.30 0.77 27.21
C GLN B 54 7.34 0.47 25.70
N GLU B 55 7.60 -0.78 25.36
CA GLU B 55 7.65 -1.19 23.95
C GLU B 55 6.30 -0.93 23.30
N ALA B 56 5.22 -1.23 24.01
CA ALA B 56 3.87 -1.01 23.49
C ALA B 56 3.57 0.48 23.37
N ALA B 57 4.19 1.27 24.24
CA ALA B 57 4.00 2.71 24.28
C ALA B 57 4.78 3.45 23.19
N VAL B 58 6.01 3.01 22.94
CA VAL B 58 6.81 3.66 21.91
C VAL B 58 6.16 3.35 20.55
N SER B 59 5.63 2.14 20.43
CA SER B 59 4.96 1.68 19.22
C SER B 59 3.74 2.55 18.94
N ALA B 60 2.90 2.73 19.96
CA ALA B 60 1.70 3.55 19.84
C ALA B 60 2.05 4.95 19.37
N ILE B 61 3.07 5.55 19.99
CA ILE B 61 3.49 6.90 19.63
C ILE B 61 4.05 7.02 18.22
N LEU B 62 4.99 6.15 17.87
CA LEU B 62 5.56 6.17 16.52
C LEU B 62 4.45 5.88 15.52
N GLY B 63 3.54 4.98 15.89
CA GLY B 63 2.43 4.66 15.02
C GLY B 63 1.55 5.88 14.78
N LEU B 64 1.19 6.60 15.85
CA LEU B 64 0.35 7.78 15.70
C LEU B 64 1.01 8.82 14.80
N ILE B 65 2.32 8.92 14.88
CA ILE B 65 3.07 9.84 14.04
C ILE B 65 2.96 9.43 12.57
N ILE B 66 3.15 8.12 12.30
CA ILE B 66 3.04 7.62 10.93
C ILE B 66 1.62 7.82 10.41
N LEU B 67 0.64 7.56 11.28
CA LEU B 67 -0.76 7.70 10.91
C LEU B 67 -1.08 9.12 10.43
N LEU B 68 -0.57 10.12 11.13
CA LEU B 68 -0.79 11.50 10.72
C LEU B 68 -0.23 11.71 9.32
N GLY B 69 0.90 11.07 9.04
CA GLY B 69 1.51 11.19 7.73
C GLY B 69 0.64 10.57 6.66
N ILE B 70 0.00 9.45 6.97
CA ILE B 70 -0.87 8.80 6.01
C ILE B 70 -2.08 9.68 5.74
N ASN B 71 -2.70 10.15 6.81
CA ASN B 71 -3.87 11.01 6.67
C ASN B 71 -3.58 12.26 5.88
N LEU B 72 -2.51 12.95 6.26
CA LEU B 72 -2.13 14.17 5.58
C LEU B 72 -1.99 13.88 4.09
N GLY B 73 -1.32 12.78 3.75
CA GLY B 73 -1.14 12.40 2.36
C GLY B 73 -2.47 12.13 1.68
N LEU B 74 -3.39 11.53 2.43
CA LEU B 74 -4.72 11.22 1.93
C LEU B 74 -5.53 12.51 1.72
N VAL B 75 -5.13 13.58 2.41
CA VAL B 75 -5.82 14.86 2.28
C VAL B 75 -5.26 15.68 1.12
N ALA B 76 -3.93 15.76 1.05
CA ALA B 76 -3.23 16.51 0.01
C ALA B 76 -3.06 15.70 -1.28
C1 BOG C . -8.91 5.93 -23.03
O1 BOG C . -8.99 7.02 -22.10
C2 BOG C . -9.41 6.43 -24.41
O2 BOG C . -10.76 6.88 -24.28
C3 BOG C . -9.31 5.27 -25.43
O3 BOG C . -9.78 5.70 -26.70
C4 BOG C . -7.83 4.84 -25.52
O4 BOG C . -7.70 3.77 -26.47
C5 BOG C . -7.34 4.36 -24.09
O5 BOG C . -7.52 5.47 -23.16
C6 BOG C . -5.86 3.96 -24.09
O6 BOG C . -5.56 2.91 -25.01
C1' BOG C . -8.60 6.67 -20.79
C2' BOG C . -9.88 6.49 -20.04
C3' BOG C . -9.58 5.85 -18.73
C4' BOG C . -10.84 5.62 -17.97
C5' BOG C . -10.54 4.96 -16.66
C6' BOG C . -11.80 4.72 -15.86
C7' BOG C . -11.42 4.05 -14.58
C8' BOG C . -12.62 3.82 -13.76
C1 RET D . 9.53 -2.09 0.61
C2 RET D . 10.92 -2.40 1.20
C3 RET D . 12.09 -1.94 0.40
C4 RET D . 12.00 -0.46 0.01
C5 RET D . 10.63 -0.02 -0.53
C6 RET D . 9.49 -0.79 -0.28
C7 RET D . 8.24 -0.30 -0.92
C8 RET D . 6.96 -0.83 -0.91
C9 RET D . 5.78 -0.29 -1.57
C10 RET D . 4.63 -1.05 -1.40
C11 RET D . 3.36 -0.59 -2.02
C12 RET D . 2.21 -1.36 -1.85
C13 RET D . 0.93 -0.89 -2.47
C14 RET D . -0.28 -1.53 -2.43
C15 RET D . -0.82 -2.74 -1.85
C16 RET D . 9.06 -3.32 -0.24
C17 RET D . 8.66 -1.96 1.94
C18 RET D . 10.81 1.24 -1.32
C19 RET D . 5.87 0.98 -2.34
C20 RET D . 0.90 0.35 -3.24
#